data_9RLR
#
_entry.id   9RLR
#
_cell.length_a   45.730
_cell.length_b   68.940
_cell.length_c   160.010
_cell.angle_alpha   90.000
_cell.angle_beta   90.000
_cell.angle_gamma   90.000
#
_symmetry.space_group_name_H-M   'P 21 21 21'
#
loop_
_entity.id
_entity.type
_entity.pdbx_description
1 polymer 'Protein mono-ADP-ribosyltransferase PARP15'
2 non-polymer 6-[(3-chlorophenyl)methoxy]-2,3-dihydrophthalazine-1,4-dione
3 non-polymer 'DIMETHYL SULFOXIDE'
4 water water
#
_entity_poly.entity_id   1
_entity_poly.type   'polypeptide(L)'
_entity_poly.pdbx_seq_one_letter_code
;SMNLPEHWTDMNHQLFCMVQLEPGQSEYNTIKDKFTRTCSSYAIEKIERIQNAFLWQSYQVKKRQMDIKNDHKNNERLLF
HGTDADSVPYVNQHGFNRSCAGKNAVSYGKGTYFAVDASYSAKDTYSKPDSNGRKHMYVVRVLTGVFTKGRAGLVTPPPK
NPHNPTDLFDSVTNNTRSPKLFVVFFDNQAYPEYLITFTA
;
_entity_poly.pdbx_strand_id   A,B
#
loop_
_chem_comp.id
_chem_comp.type
_chem_comp.name
_chem_comp.formula
A1JHC non-polymer 6-[(3-chlorophenyl)methoxy]-2,3-dihydrophthalazine-1,4-dione 'C15 H11 Cl N2 O3'
DMS non-polymer 'DIMETHYL SULFOXIDE' 'C2 H6 O S'
#
# COMPACT_ATOMS: atom_id res chain seq x y z
N ASN A 3 1.07 -19.25 -7.35
CA ASN A 3 2.29 -20.04 -7.01
C ASN A 3 2.65 -19.85 -5.52
N LEU A 4 2.05 -20.67 -4.64
CA LEU A 4 2.05 -20.59 -3.15
C LEU A 4 3.05 -21.56 -2.55
N PRO A 5 3.60 -21.28 -1.33
CA PRO A 5 4.75 -22.00 -0.80
C PRO A 5 4.45 -23.48 -0.53
N GLU A 6 5.48 -24.32 -0.69
CA GLU A 6 5.34 -25.81 -0.69
C GLU A 6 4.94 -26.29 0.72
N HIS A 7 5.43 -25.65 1.79
CA HIS A 7 5.15 -25.98 3.21
C HIS A 7 3.71 -25.61 3.64
N TRP A 8 3.01 -24.78 2.88
CA TRP A 8 1.59 -24.48 3.15
C TRP A 8 0.83 -25.78 2.98
N THR A 9 -0.28 -25.93 3.66
CA THR A 9 -1.13 -27.13 3.53
C THR A 9 -2.33 -26.75 2.66
N ASP A 10 -2.85 -27.75 1.92
CA ASP A 10 -3.94 -27.61 0.92
C ASP A 10 -5.05 -26.79 1.54
N MET A 11 -5.66 -25.90 0.77
CA MET A 11 -6.71 -25.00 1.32
C MET A 11 -8.10 -25.29 0.74
N ASN A 12 -8.29 -26.42 0.04
CA ASN A 12 -9.60 -26.81 -0.56
C ASN A 12 -10.09 -25.64 -1.45
N HIS A 13 -9.18 -25.05 -2.24
CA HIS A 13 -9.44 -24.00 -3.25
C HIS A 13 -9.85 -22.66 -2.60
N GLN A 14 -9.61 -22.46 -1.30
CA GLN A 14 -9.85 -21.17 -0.61
C GLN A 14 -8.55 -20.36 -0.55
N LEU A 15 -8.66 -19.08 -0.20
CA LEU A 15 -7.57 -18.08 -0.39
C LEU A 15 -7.04 -17.61 0.96
N PHE A 16 -7.71 -17.95 2.06
CA PHE A 16 -7.23 -17.57 3.41
C PHE A 16 -7.48 -18.72 4.41
N CYS A 17 -6.49 -19.02 5.24
CA CYS A 17 -6.55 -20.10 6.25
C CYS A 17 -5.49 -19.84 7.33
N MET A 18 -5.84 -19.99 8.61
CA MET A 18 -4.89 -20.06 9.75
C MET A 18 -4.72 -21.52 10.14
N VAL A 19 -3.51 -22.07 10.03
CA VAL A 19 -3.22 -23.51 10.28
C VAL A 19 -2.42 -23.62 11.58
N GLN A 20 -2.98 -24.28 12.59
CA GLN A 20 -2.25 -24.57 13.85
C GLN A 20 -1.12 -25.56 13.55
N LEU A 21 0.11 -25.23 13.97
CA LEU A 21 1.30 -26.12 13.78
C LEU A 21 1.29 -27.25 14.83
N GLU A 22 1.85 -28.39 14.45
CA GLU A 22 2.05 -29.59 15.31
C GLU A 22 3.31 -29.39 16.14
N PRO A 23 3.20 -29.34 17.49
CA PRO A 23 4.38 -29.32 18.36
C PRO A 23 5.38 -30.44 18.04
N GLY A 24 6.67 -30.12 18.11
CA GLY A 24 7.73 -31.11 17.94
C GLY A 24 8.08 -31.39 16.49
N GLN A 25 7.39 -30.80 15.53
CA GLN A 25 7.79 -30.93 14.10
C GLN A 25 8.67 -29.74 13.73
N SER A 26 9.47 -29.91 12.68
CA SER A 26 10.58 -29.02 12.28
C SER A 26 10.13 -27.55 12.22
N GLU A 27 9.03 -27.26 11.54
CA GLU A 27 8.53 -25.86 11.35
C GLU A 27 8.21 -25.22 12.72
N TYR A 28 7.40 -25.90 13.55
CA TYR A 28 7.04 -25.43 14.91
C TYR A 28 8.32 -25.21 15.70
N ASN A 29 9.25 -26.16 15.64
CA ASN A 29 10.49 -26.06 16.45
C ASN A 29 11.33 -24.85 16.01
N THR A 30 11.38 -24.58 14.71
CA THR A 30 12.17 -23.45 14.15
C THR A 30 11.61 -22.15 14.72
N ILE A 31 10.28 -21.98 14.69
CA ILE A 31 9.65 -20.68 15.08
C ILE A 31 9.72 -20.56 16.61
N LYS A 32 9.53 -21.67 17.32
CA LYS A 32 9.57 -21.71 18.81
C LYS A 32 10.96 -21.30 19.27
N ASP A 33 12.02 -21.76 18.61
CA ASP A 33 13.42 -21.41 18.96
C ASP A 33 13.66 -19.91 18.75
N LYS A 34 13.22 -19.32 17.62
CA LYS A 34 13.35 -17.86 17.37
C LYS A 34 12.76 -17.06 18.54
N PHE A 35 11.62 -17.49 19.06
CA PHE A 35 10.90 -16.78 20.14
C PHE A 35 11.62 -17.00 21.48
N THR A 36 12.00 -18.25 21.80
CA THR A 36 12.61 -18.60 23.11
C THR A 36 14.03 -18.06 23.20
N ARG A 37 14.68 -17.73 22.07
CA ARG A 37 16.01 -17.03 22.05
C ARG A 37 15.97 -15.92 23.12
N THR A 38 14.89 -15.14 23.20
CA THR A 38 14.78 -13.95 24.09
C THR A 38 13.56 -14.02 25.03
N CYS A 39 12.62 -14.98 24.83
CA CYS A 39 11.36 -15.07 25.61
C CYS A 39 11.20 -16.45 26.25
N SER A 40 12.27 -17.04 26.78
CA SER A 40 12.21 -18.41 27.33
C SER A 40 11.36 -18.47 28.59
N SER A 41 11.03 -17.32 29.20
CA SER A 41 10.28 -17.24 30.48
C SER A 41 8.77 -17.20 30.25
N TYR A 42 8.34 -17.12 28.98
CA TYR A 42 6.91 -17.05 28.62
C TYR A 42 6.41 -18.46 28.40
N ALA A 43 5.11 -18.64 28.25
CA ALA A 43 4.45 -19.93 27.94
C ALA A 43 3.76 -19.84 26.58
N ILE A 44 4.21 -20.62 25.59
CA ILE A 44 3.57 -20.74 24.24
C ILE A 44 2.32 -21.65 24.33
N GLU A 45 1.17 -21.06 24.03
CA GLU A 45 -0.13 -21.77 23.94
C GLU A 45 -0.24 -22.44 22.56
N LYS A 46 0.09 -21.74 21.47
CA LYS A 46 0.04 -22.33 20.11
C LYS A 46 0.78 -21.42 19.13
N ILE A 47 1.13 -21.99 17.98
CA ILE A 47 1.70 -21.25 16.83
C ILE A 47 0.87 -21.63 15.62
N GLU A 48 0.39 -20.60 14.89
CA GLU A 48 -0.44 -20.73 13.67
C GLU A 48 0.34 -20.19 12.45
N ARG A 49 0.30 -20.95 11.36
CA ARG A 49 0.84 -20.51 10.06
C ARG A 49 -0.25 -19.71 9.35
N ILE A 50 0.04 -18.47 8.93
CA ILE A 50 -0.92 -17.60 8.22
C ILE A 50 -0.79 -17.88 6.73
N GLN A 51 -1.84 -18.44 6.14
CA GLN A 51 -1.90 -18.73 4.68
C GLN A 51 -2.88 -17.76 4.04
N ASN A 52 -2.37 -16.61 3.61
CA ASN A 52 -3.17 -15.55 2.96
C ASN A 52 -2.64 -15.37 1.52
N ALA A 53 -3.27 -16.02 0.54
CA ALA A 53 -2.75 -16.08 -0.85
C ALA A 53 -2.60 -14.66 -1.41
N PHE A 54 -3.55 -13.75 -1.16
CA PHE A 54 -3.53 -12.38 -1.73
C PHE A 54 -2.38 -11.58 -1.13
N LEU A 55 -2.24 -11.59 0.20
CA LEU A 55 -1.13 -10.86 0.86
C LEU A 55 0.17 -11.40 0.32
N TRP A 56 0.28 -12.72 0.19
CA TRP A 56 1.53 -13.39 -0.25
C TRP A 56 1.89 -12.96 -1.69
N GLN A 57 0.92 -12.94 -2.59
CA GLN A 57 1.14 -12.54 -4.00
C GLN A 57 1.68 -11.10 -4.04
N SER A 58 1.08 -10.17 -3.28
CA SER A 58 1.45 -8.73 -3.32
C SER A 58 2.84 -8.55 -2.73
N TYR A 59 3.14 -9.30 -1.66
CA TYR A 59 4.44 -9.27 -0.97
C TYR A 59 5.52 -9.83 -1.91
N GLN A 60 5.25 -10.95 -2.56
CA GLN A 60 6.27 -11.59 -3.43
C GLN A 60 6.58 -10.69 -4.62
N VAL A 61 5.59 -9.94 -5.10
CA VAL A 61 5.82 -8.99 -6.21
C VAL A 61 6.82 -7.93 -5.73
N LYS A 62 6.57 -7.35 -4.55
CA LYS A 62 7.46 -6.32 -3.95
C LYS A 62 8.87 -6.92 -3.78
N LYS A 63 8.96 -8.17 -3.34
CA LYS A 63 10.27 -8.79 -3.09
C LYS A 63 11.05 -8.94 -4.40
N ARG A 64 10.40 -9.42 -5.46
CA ARG A 64 11.04 -9.56 -6.79
C ARG A 64 11.50 -8.19 -7.29
N GLN A 65 10.70 -7.15 -7.09
CA GLN A 65 11.02 -5.78 -7.53
C GLN A 65 12.29 -5.30 -6.80
N MET A 66 12.31 -5.47 -5.47
CA MET A 66 13.43 -5.00 -4.60
C MET A 66 14.69 -5.80 -4.94
N ASP A 67 14.57 -7.09 -5.24
CA ASP A 67 15.72 -7.96 -5.63
C ASP A 67 16.33 -7.39 -6.91
N ILE A 68 15.51 -7.01 -7.88
CA ILE A 68 16.01 -6.46 -9.17
C ILE A 68 16.67 -5.08 -8.95
N LYS A 69 16.01 -4.20 -8.21
CA LYS A 69 16.43 -2.81 -7.98
C LYS A 69 17.75 -2.76 -7.20
N ASN A 70 17.89 -3.56 -6.15
CA ASN A 70 19.09 -3.57 -5.27
C ASN A 70 20.16 -4.51 -5.87
N ASP A 71 19.76 -5.44 -6.76
CA ASP A 71 20.63 -6.29 -7.63
C ASP A 71 21.48 -7.22 -6.75
N HIS A 72 21.90 -6.75 -5.57
CA HIS A 72 22.17 -7.60 -4.37
C HIS A 72 20.85 -8.31 -4.03
N LYS A 73 20.83 -9.02 -2.91
CA LYS A 73 19.77 -10.04 -2.68
C LYS A 73 19.28 -10.26 -1.24
N ASN A 74 19.98 -9.83 -0.19
CA ASN A 74 19.42 -10.01 1.18
C ASN A 74 18.54 -8.82 1.55
N ASN A 75 17.33 -8.76 0.99
CA ASN A 75 16.37 -7.66 1.23
C ASN A 75 15.38 -8.03 2.32
N GLU A 76 15.40 -9.28 2.79
CA GLU A 76 14.34 -9.84 3.66
C GLU A 76 14.93 -10.19 5.01
N ARG A 77 14.23 -9.78 6.08
CA ARG A 77 14.53 -10.14 7.49
C ARG A 77 13.28 -10.73 8.15
N LEU A 78 13.47 -11.63 9.09
CA LEU A 78 12.36 -12.21 9.88
C LEU A 78 12.34 -11.47 11.23
N LEU A 79 11.30 -10.68 11.47
CA LEU A 79 11.17 -9.77 12.63
C LEU A 79 9.87 -10.07 13.36
N PHE A 80 9.60 -9.36 14.45
CA PHE A 80 8.47 -9.65 15.36
C PHE A 80 7.60 -8.41 15.43
N HIS A 81 6.30 -8.62 15.65
CA HIS A 81 5.32 -7.54 15.87
C HIS A 81 4.26 -8.00 16.86
N GLY A 82 4.27 -7.40 18.04
CA GLY A 82 3.24 -7.60 19.08
C GLY A 82 2.02 -6.73 18.79
N THR A 83 0.82 -7.28 18.97
CA THR A 83 -0.40 -6.47 18.82
C THR A 83 -1.51 -6.95 19.78
N ASP A 84 -2.57 -6.15 19.91
CA ASP A 84 -3.74 -6.42 20.79
C ASP A 84 -4.64 -7.43 20.08
N ALA A 85 -5.45 -8.17 20.84
CA ALA A 85 -6.29 -9.25 20.29
C ALA A 85 -7.28 -8.68 19.28
N ASP A 86 -7.74 -7.46 19.48
CA ASP A 86 -8.77 -6.83 18.62
C ASP A 86 -8.19 -6.62 17.20
N SER A 87 -6.86 -6.50 17.06
CA SER A 87 -6.19 -6.18 15.76
C SER A 87 -5.80 -7.44 14.98
N VAL A 88 -5.85 -8.59 15.63
CA VAL A 88 -5.35 -9.87 15.06
C VAL A 88 -6.15 -10.21 13.81
N PRO A 89 -7.51 -10.20 13.82
CA PRO A 89 -8.28 -10.55 12.61
C PRO A 89 -7.94 -9.64 11.41
N TYR A 90 -7.74 -8.35 11.64
CA TYR A 90 -7.35 -7.40 10.56
C TYR A 90 -5.98 -7.78 9.98
N VAL A 91 -4.97 -7.98 10.81
CA VAL A 91 -3.59 -8.28 10.32
C VAL A 91 -3.61 -9.62 9.55
N ASN A 92 -4.33 -10.62 10.03
CA ASN A 92 -4.42 -11.95 9.38
C ASN A 92 -4.90 -11.77 7.94
N GLN A 93 -5.88 -10.88 7.73
CA GLN A 93 -6.58 -10.71 6.43
C GLN A 93 -5.87 -9.68 5.56
N HIS A 94 -5.39 -8.58 6.16
CA HIS A 94 -4.96 -7.37 5.42
C HIS A 94 -3.50 -6.98 5.70
N GLY A 95 -2.84 -7.65 6.63
CA GLY A 95 -1.44 -7.34 6.95
C GLY A 95 -1.32 -6.04 7.73
N PHE A 96 -0.17 -5.37 7.63
CA PHE A 96 0.19 -4.21 8.47
C PHE A 96 -0.16 -2.90 7.76
N ASN A 97 -0.78 -1.99 8.53
CA ASN A 97 -1.36 -0.72 8.02
C ASN A 97 -0.87 0.45 8.87
N ARG A 98 -0.04 1.31 8.28
CA ARG A 98 0.59 2.47 8.93
C ARG A 98 -0.50 3.42 9.40
N SER A 99 -1.71 3.36 8.82
CA SER A 99 -2.81 4.32 9.15
C SER A 99 -3.53 3.93 10.45
N CYS A 100 -3.19 2.80 11.07
CA CYS A 100 -3.90 2.31 12.29
C CYS A 100 -3.17 2.78 13.55
N LYS A 103 -1.97 5.69 19.31
CA LYS A 103 -0.58 6.07 18.94
C LYS A 103 0.43 5.53 19.97
N ASN A 104 1.19 4.47 19.60
CA ASN A 104 2.44 4.06 20.30
C ASN A 104 3.59 4.92 19.73
N ALA A 105 4.75 4.88 20.35
CA ALA A 105 5.91 5.74 20.01
C ALA A 105 6.30 5.58 18.53
N VAL A 106 6.35 6.71 17.80
CA VAL A 106 6.78 6.73 16.36
C VAL A 106 7.95 7.71 16.11
N SER A 107 8.98 7.64 16.93
CA SER A 107 10.14 8.57 16.90
C SER A 107 10.93 8.39 15.61
N TYR A 108 10.78 7.28 14.88
CA TYR A 108 11.67 6.99 13.72
C TYR A 108 10.85 7.13 12.44
N GLY A 109 9.63 7.64 12.55
CA GLY A 109 8.76 7.89 11.40
C GLY A 109 7.39 7.26 11.59
N LYS A 110 6.45 7.66 10.74
CA LYS A 110 5.06 7.15 10.72
C LYS A 110 4.97 5.96 9.77
N GLY A 111 5.46 4.82 10.22
CA GLY A 111 5.32 3.54 9.52
C GLY A 111 4.90 2.46 10.49
N THR A 112 4.99 1.21 10.07
CA THR A 112 4.76 0.03 10.94
C THR A 112 6.10 -0.38 11.52
N TYR A 113 6.14 -0.68 12.82
CA TYR A 113 7.38 -1.01 13.57
C TYR A 113 7.45 -2.51 13.78
N PHE A 114 8.66 -3.04 13.60
CA PHE A 114 9.01 -4.47 13.78
C PHE A 114 10.30 -4.54 14.62
N ALA A 115 10.35 -5.49 15.56
CA ALA A 115 11.46 -5.66 16.51
C ALA A 115 12.34 -6.83 16.03
N VAL A 116 13.65 -6.71 16.24
CA VAL A 116 14.63 -7.80 16.00
C VAL A 116 14.44 -8.92 17.05
N ASP A 117 14.16 -8.56 18.30
CA ASP A 117 14.05 -9.49 19.45
C ASP A 117 12.57 -9.63 19.84
N ALA A 118 12.12 -10.87 19.99
CA ALA A 118 10.75 -11.20 20.45
C ALA A 118 10.51 -10.50 21.79
N SER A 119 11.51 -10.39 22.67
CA SER A 119 11.35 -9.80 24.01
C SER A 119 10.81 -8.36 23.91
N TYR A 120 11.20 -7.63 22.88
CA TYR A 120 10.72 -6.23 22.72
C TYR A 120 9.22 -6.22 22.37
N SER A 121 8.83 -7.07 21.43
CA SER A 121 7.44 -7.21 20.96
C SER A 121 6.57 -7.79 22.07
N ALA A 122 7.18 -8.51 23.00
CA ALA A 122 6.50 -9.20 24.11
C ALA A 122 6.05 -8.19 25.18
N LYS A 123 6.55 -6.95 25.15
CA LYS A 123 6.12 -5.93 26.13
C LYS A 123 4.58 -5.78 26.05
N ASP A 124 3.93 -5.66 27.22
CA ASP A 124 2.47 -5.45 27.37
C ASP A 124 1.97 -4.23 26.58
N THR A 125 2.79 -3.21 26.36
CA THR A 125 2.42 -2.02 25.54
C THR A 125 2.15 -2.40 24.07
N TYR A 126 2.73 -3.49 23.55
CA TYR A 126 2.56 -3.95 22.15
C TYR A 126 1.63 -5.16 22.11
N SER A 127 2.05 -6.27 22.72
CA SER A 127 1.24 -7.51 22.82
C SER A 127 0.34 -7.43 24.07
N LYS A 128 -0.66 -6.54 24.06
CA LYS A 128 -1.53 -6.26 25.24
C LYS A 128 -2.22 -7.56 25.66
N PRO A 129 -2.09 -7.99 26.92
CA PRO A 129 -2.78 -9.21 27.35
C PRO A 129 -4.29 -8.95 27.26
N ASP A 130 -5.02 -9.93 26.74
CA ASP A 130 -6.50 -9.84 26.60
C ASP A 130 -7.11 -10.21 27.97
N SER A 131 -8.43 -10.23 28.09
CA SER A 131 -9.12 -10.41 29.39
C SER A 131 -8.82 -11.82 29.95
N ASN A 132 -8.42 -12.79 29.12
CA ASN A 132 -7.98 -14.15 29.54
C ASN A 132 -6.45 -14.26 29.68
N GLY A 133 -5.71 -13.16 29.56
CA GLY A 133 -4.25 -13.14 29.78
C GLY A 133 -3.45 -13.50 28.53
N ARG A 134 -4.11 -13.74 27.40
CA ARG A 134 -3.41 -14.17 26.15
C ARG A 134 -2.74 -12.96 25.48
N LYS A 135 -1.47 -13.13 25.11
CA LYS A 135 -0.68 -12.15 24.33
C LYS A 135 -0.46 -12.70 22.93
N HIS A 136 -0.32 -11.81 21.95
CA HIS A 136 -0.25 -12.18 20.51
C HIS A 136 0.97 -11.50 19.86
N MET A 137 1.77 -12.27 19.13
CA MET A 137 2.95 -11.73 18.44
C MET A 137 3.09 -12.42 17.08
N TYR A 138 3.31 -11.63 16.04
CA TYR A 138 3.52 -12.15 14.66
C TYR A 138 5.00 -12.31 14.42
N VAL A 139 5.37 -13.38 13.71
CA VAL A 139 6.70 -13.51 13.04
C VAL A 139 6.49 -13.08 11.60
N VAL A 140 7.27 -12.14 11.13
CA VAL A 140 6.94 -11.34 9.92
C VAL A 140 8.14 -11.37 8.98
N ARG A 141 7.91 -11.68 7.71
CA ARG A 141 8.92 -11.44 6.67
C ARG A 141 8.82 -9.96 6.30
N VAL A 142 9.90 -9.20 6.45
CA VAL A 142 9.93 -7.72 6.19
C VAL A 142 11.00 -7.45 5.11
N LEU A 143 10.61 -6.71 4.07
CA LEU A 143 11.55 -6.25 3.02
C LEU A 143 12.25 -4.99 3.54
N THR A 144 13.24 -5.16 4.41
CA THR A 144 14.08 -4.06 4.99
C THR A 144 15.03 -3.48 3.94
N GLY A 145 15.45 -4.30 2.96
CA GLY A 145 16.24 -3.81 1.81
C GLY A 145 17.45 -3.01 2.27
N VAL A 146 17.71 -1.87 1.63
CA VAL A 146 18.80 -0.93 2.04
C VAL A 146 18.17 0.08 2.98
N PHE A 147 18.74 0.23 4.18
CA PHE A 147 18.12 1.07 5.25
C PHE A 147 19.10 2.13 5.74
N THR A 148 18.52 3.14 6.37
CA THR A 148 19.24 4.28 7.00
C THR A 148 18.59 4.54 8.37
N LYS A 149 19.24 5.37 9.17
CA LYS A 149 18.63 5.84 10.44
C LYS A 149 17.39 6.70 10.14
N GLY A 150 16.30 6.42 10.84
CA GLY A 150 15.06 7.19 10.76
C GLY A 150 15.09 8.42 11.66
N ARG A 151 14.00 9.16 11.66
CA ARG A 151 13.82 10.38 12.49
C ARG A 151 12.32 10.72 12.53
N ALA A 152 11.92 11.53 13.49
CA ALA A 152 10.49 11.80 13.75
C ALA A 152 9.91 12.49 12.53
N GLY A 153 8.70 12.11 12.15
CA GLY A 153 7.88 12.84 11.18
C GLY A 153 8.03 12.33 9.76
N LEU A 154 8.98 11.43 9.47
CA LEU A 154 9.09 10.79 8.14
C LEU A 154 7.75 10.14 7.80
N VAL A 155 7.27 10.32 6.59
CA VAL A 155 6.09 9.55 6.08
C VAL A 155 6.55 8.55 5.01
N THR A 156 7.78 8.66 4.51
CA THR A 156 8.45 7.63 3.67
C THR A 156 9.92 7.57 4.05
N PRO A 157 10.69 6.54 3.65
CA PRO A 157 12.13 6.57 3.90
C PRO A 157 12.78 7.79 3.22
N PRO A 158 13.93 8.27 3.73
CA PRO A 158 14.69 9.33 3.06
C PRO A 158 15.21 8.89 1.69
N PRO A 159 15.58 9.82 0.77
CA PRO A 159 16.28 9.47 -0.45
C PRO A 159 17.71 9.02 -0.13
N LYS A 160 18.26 8.15 -0.97
CA LYS A 160 19.66 7.67 -0.86
C LYS A 160 20.61 8.80 -1.29
N ASN A 161 20.13 9.71 -2.12
CA ASN A 161 20.96 10.77 -2.74
C ASN A 161 20.11 12.04 -2.80
N PRO A 162 20.53 13.15 -2.14
CA PRO A 162 19.73 14.38 -2.15
C PRO A 162 19.46 15.00 -3.54
N HIS A 163 20.28 14.71 -4.54
CA HIS A 163 20.14 15.21 -5.93
C HIS A 163 19.25 14.28 -6.76
N ASN A 164 18.71 13.21 -6.16
CA ASN A 164 17.74 12.29 -6.80
C ASN A 164 16.64 11.95 -5.80
N PRO A 165 15.73 12.91 -5.52
CA PRO A 165 14.82 12.80 -4.38
C PRO A 165 13.81 11.64 -4.40
N THR A 166 13.62 10.95 -5.52
CA THR A 166 12.62 9.86 -5.65
C THR A 166 13.24 8.47 -5.51
N ASP A 167 14.56 8.32 -5.54
CA ASP A 167 15.24 7.01 -5.28
C ASP A 167 15.39 6.84 -3.76
N LEU A 168 14.52 6.05 -3.13
CA LEU A 168 14.38 6.01 -1.65
C LEU A 168 15.14 4.82 -1.03
N PHE A 169 15.53 4.97 0.25
CA PHE A 169 15.84 3.82 1.12
C PHE A 169 14.58 2.94 1.19
N ASP A 170 14.75 1.64 1.47
CA ASP A 170 13.61 0.68 1.54
C ASP A 170 12.97 0.73 2.92
N SER A 171 13.73 1.03 3.95
CA SER A 171 13.22 1.10 5.35
C SER A 171 14.16 1.96 6.19
N VAL A 172 13.76 2.26 7.43
CA VAL A 172 14.65 2.96 8.38
C VAL A 172 14.78 2.12 9.65
N THR A 173 15.78 2.43 10.45
CA THR A 173 16.08 1.72 11.71
C THR A 173 16.43 2.75 12.78
N ASN A 174 16.58 2.30 14.04
CA ASN A 174 17.11 3.11 15.18
C ASN A 174 18.64 3.26 15.09
N ASN A 175 19.35 2.34 14.46
CA ASN A 175 20.82 2.26 14.48
C ASN A 175 21.27 1.33 13.35
N THR A 176 22.02 1.83 12.37
CA THR A 176 22.33 1.09 11.09
C THR A 176 23.35 -0.01 11.35
N ARG A 177 24.28 0.19 12.29
CA ARG A 177 25.35 -0.77 12.65
C ARG A 177 24.73 -1.93 13.43
N SER A 178 23.85 -1.64 14.40
CA SER A 178 23.24 -2.63 15.33
C SER A 178 21.75 -2.39 15.50
N PRO A 179 20.95 -2.72 14.48
CA PRO A 179 19.53 -2.42 14.50
C PRO A 179 18.75 -3.25 15.53
N LYS A 180 17.75 -2.67 16.18
CA LYS A 180 16.81 -3.40 17.08
C LYS A 180 15.35 -3.19 16.65
N LEU A 181 15.08 -2.22 15.80
CA LEU A 181 13.74 -2.09 15.16
C LEU A 181 13.88 -1.60 13.72
N PHE A 182 12.91 -1.96 12.89
CA PHE A 182 12.76 -1.45 11.50
C PHE A 182 11.37 -0.86 11.32
N VAL A 183 11.28 0.22 10.55
CA VAL A 183 10.00 0.85 10.16
C VAL A 183 9.85 0.73 8.65
N VAL A 184 8.69 0.24 8.17
CA VAL A 184 8.32 0.27 6.72
C VAL A 184 7.09 1.14 6.56
N PHE A 185 7.01 1.77 5.40
CA PHE A 185 6.10 2.91 5.12
C PHE A 185 5.16 2.56 3.97
N PHE A 186 5.21 1.33 3.44
CA PHE A 186 4.31 0.92 2.32
C PHE A 186 3.61 -0.39 2.66
N ASP A 187 2.43 -0.54 2.06
CA ASP A 187 1.63 -1.78 2.15
C ASP A 187 2.38 -2.90 1.44
N ASN A 188 2.26 -4.12 1.95
CA ASN A 188 2.75 -5.34 1.27
C ASN A 188 4.28 -5.33 1.25
N GLN A 189 4.92 -4.62 2.19
CA GLN A 189 6.37 -4.70 2.40
C GLN A 189 6.65 -5.68 3.54
N ALA A 190 5.60 -6.20 4.18
CA ALA A 190 5.68 -7.10 5.35
C ALA A 190 4.59 -8.15 5.22
N TYR A 191 4.94 -9.43 5.34
CA TYR A 191 3.98 -10.55 5.30
C TYR A 191 3.94 -11.24 6.67
N PRO A 192 2.78 -11.26 7.36
CA PRO A 192 2.67 -11.90 8.67
C PRO A 192 2.65 -13.41 8.43
N GLU A 193 3.70 -14.11 8.85
CA GLU A 193 3.91 -15.53 8.47
C GLU A 193 3.43 -16.49 9.56
N TYR A 194 3.69 -16.18 10.83
CA TYR A 194 3.21 -16.98 11.98
C TYR A 194 2.58 -16.05 13.03
N LEU A 195 1.63 -16.59 13.77
CA LEU A 195 1.03 -15.93 14.96
C LEU A 195 1.27 -16.81 16.17
N ILE A 196 1.99 -16.28 17.14
CA ILE A 196 2.31 -16.97 18.41
C ILE A 196 1.32 -16.45 19.44
N THR A 197 0.53 -17.33 20.03
CA THR A 197 -0.32 -17.02 21.20
C THR A 197 0.42 -17.50 22.43
N PHE A 198 0.62 -16.62 23.41
CA PHE A 198 1.48 -16.95 24.59
C PHE A 198 0.96 -16.19 25.80
N THR A 199 1.53 -16.51 26.97
CA THR A 199 1.21 -15.92 28.29
C THR A 199 2.51 -15.64 29.06
N ALA A 200 2.45 -14.70 29.99
CA ALA A 200 3.53 -14.32 30.94
C ALA A 200 3.82 -15.49 31.89
N ASN B 3 4.49 -9.11 -18.98
CA ASN B 3 3.09 -8.66 -18.70
C ASN B 3 2.90 -7.16 -19.02
N LEU B 4 3.93 -6.45 -19.48
CA LEU B 4 3.77 -4.98 -19.75
C LEU B 4 2.97 -4.81 -21.03
N PRO B 5 2.06 -3.80 -21.10
CA PRO B 5 1.18 -3.62 -22.25
C PRO B 5 1.92 -3.46 -23.60
N GLU B 6 1.39 -4.05 -24.66
CA GLU B 6 2.07 -4.09 -25.99
C GLU B 6 1.97 -2.74 -26.72
N HIS B 7 1.13 -1.79 -26.30
CA HIS B 7 1.09 -0.42 -26.89
C HIS B 7 2.14 0.48 -26.21
N TRP B 8 2.75 0.06 -25.11
CA TRP B 8 3.85 0.84 -24.48
C TRP B 8 5.01 0.91 -25.46
N THR B 9 5.76 1.99 -25.45
CA THR B 9 7.04 2.03 -26.19
C THR B 9 8.01 1.01 -25.56
N ASP B 10 8.84 0.38 -26.40
CA ASP B 10 9.98 -0.45 -25.96
C ASP B 10 10.86 0.43 -25.08
N MET B 11 11.27 -0.05 -23.90
CA MET B 11 11.98 0.81 -22.93
C MET B 11 13.48 0.50 -22.85
N ASN B 12 14.05 -0.30 -23.77
CA ASN B 12 15.49 -0.69 -23.78
C ASN B 12 15.89 -1.17 -22.39
N HIS B 13 15.09 -2.04 -21.78
CA HIS B 13 15.37 -2.74 -20.49
C HIS B 13 15.42 -1.76 -19.32
N GLN B 14 14.81 -0.57 -19.43
CA GLN B 14 14.56 0.37 -18.29
C GLN B 14 13.16 0.16 -17.73
N LEU B 15 12.91 0.67 -16.52
CA LEU B 15 11.69 0.33 -15.72
C LEU B 15 10.72 1.52 -15.67
N PHE B 16 11.12 2.69 -16.18
CA PHE B 16 10.28 3.92 -16.14
C PHE B 16 10.50 4.83 -17.36
N CYS B 17 9.42 5.41 -17.88
CA CYS B 17 9.45 6.36 -19.03
C CYS B 17 8.15 7.20 -19.06
N MET B 18 8.23 8.50 -19.41
CA MET B 18 7.09 9.37 -19.78
C MET B 18 7.10 9.54 -21.30
N VAL B 19 6.03 9.13 -21.99
CA VAL B 19 5.90 9.19 -23.48
C VAL B 19 4.88 10.28 -23.86
N GLN B 20 5.37 11.32 -24.54
CA GLN B 20 4.55 12.42 -25.10
C GLN B 20 3.65 11.92 -26.24
N LEU B 21 2.35 12.18 -26.15
CA LEU B 21 1.35 11.70 -27.14
C LEU B 21 1.15 12.79 -28.20
N GLU B 22 0.63 12.37 -29.36
CA GLU B 22 0.40 13.19 -30.57
C GLU B 22 -1.09 13.49 -30.69
N PRO B 23 -1.47 14.79 -30.74
CA PRO B 23 -2.84 15.17 -31.02
C PRO B 23 -3.23 14.50 -32.33
N GLY B 24 -4.49 14.06 -32.45
CA GLY B 24 -4.95 13.34 -33.66
C GLY B 24 -4.85 11.82 -33.53
N GLN B 25 -4.02 11.30 -32.63
CA GLN B 25 -4.09 9.87 -32.26
C GLN B 25 -5.34 9.70 -31.40
N SER B 26 -6.01 8.56 -31.54
CA SER B 26 -7.19 8.17 -30.73
C SER B 26 -6.86 8.25 -29.23
N GLU B 27 -5.63 7.88 -28.85
CA GLU B 27 -5.24 7.79 -27.42
C GLU B 27 -5.23 9.21 -26.84
N TYR B 28 -4.65 10.17 -27.55
CA TYR B 28 -4.63 11.60 -27.13
C TYR B 28 -6.06 12.12 -27.13
N ASN B 29 -6.82 11.88 -28.19
CA ASN B 29 -8.14 12.53 -28.39
C ASN B 29 -9.14 12.07 -27.34
N THR B 30 -9.18 10.79 -26.94
CA THR B 30 -10.17 10.33 -25.94
CA THR B 30 -10.15 10.30 -25.92
C THR B 30 -9.86 10.99 -24.58
N ILE B 31 -8.57 11.17 -24.22
CA ILE B 31 -8.20 11.88 -22.97
C ILE B 31 -8.56 13.37 -23.12
N LYS B 32 -8.20 13.99 -24.23
CA LYS B 32 -8.53 15.42 -24.46
C LYS B 32 -10.06 15.59 -24.35
N ASP B 33 -10.84 14.70 -24.96
CA ASP B 33 -12.31 14.83 -24.94
C ASP B 33 -12.83 14.66 -23.51
N LYS B 34 -12.30 13.67 -22.79
CA LYS B 34 -12.72 13.38 -21.40
C LYS B 34 -12.49 14.63 -20.55
N PHE B 35 -11.38 15.33 -20.81
CA PHE B 35 -11.00 16.54 -20.06
C PHE B 35 -11.92 17.71 -20.45
N THR B 36 -12.10 17.97 -21.75
CA THR B 36 -12.79 19.20 -22.24
C THR B 36 -14.30 19.07 -21.98
N ARG B 37 -14.79 17.86 -21.74
CA ARG B 37 -16.20 17.63 -21.39
C ARG B 37 -16.61 18.53 -20.23
N THR B 38 -15.69 18.86 -19.29
CA THR B 38 -15.99 19.75 -18.14
C THR B 38 -14.95 20.88 -17.98
N CYS B 39 -13.87 20.91 -18.76
CA CYS B 39 -12.80 21.95 -18.65
C CYS B 39 -12.58 22.65 -19.99
N SER B 40 -13.66 23.08 -20.65
CA SER B 40 -13.56 23.69 -21.99
C SER B 40 -12.86 25.06 -21.94
N SER B 41 -12.84 25.71 -20.77
CA SER B 41 -12.22 27.06 -20.57
C SER B 41 -10.70 26.97 -20.35
N TYR B 42 -10.11 25.77 -20.34
CA TYR B 42 -8.64 25.55 -20.20
C TYR B 42 -8.09 25.08 -21.55
N ALA B 43 -6.78 25.16 -21.75
CA ALA B 43 -6.05 24.68 -22.94
C ALA B 43 -5.00 23.66 -22.51
N ILE B 44 -4.93 22.53 -23.22
CA ILE B 44 -3.92 21.47 -22.94
C ILE B 44 -2.58 21.82 -23.60
N GLU B 45 -1.50 21.84 -22.81
CA GLU B 45 -0.12 22.00 -23.33
C GLU B 45 0.33 20.63 -23.90
N LYS B 46 0.20 19.57 -23.11
CA LYS B 46 0.65 18.22 -23.54
C LYS B 46 -0.03 17.14 -22.71
N ILE B 47 -0.07 15.94 -23.26
CA ILE B 47 -0.49 14.71 -22.55
C ILE B 47 0.64 13.68 -22.65
N GLU B 48 1.09 13.17 -21.50
CA GLU B 48 2.16 12.15 -21.41
C GLU B 48 1.59 10.83 -20.88
N ARG B 49 1.92 9.71 -21.52
CA ARG B 49 1.63 8.35 -21.00
C ARG B 49 2.71 7.99 -19.99
N ILE B 50 2.30 7.56 -18.80
CA ILE B 50 3.22 7.12 -17.72
C ILE B 50 3.45 5.60 -17.86
N GLN B 51 4.69 5.20 -18.16
CA GLN B 51 5.11 3.78 -18.27
C GLN B 51 5.99 3.44 -17.05
N ASN B 52 5.36 2.93 -16.00
CA ASN B 52 6.05 2.60 -14.73
C ASN B 52 5.85 1.10 -14.47
N ALA B 53 6.83 0.27 -14.81
CA ALA B 53 6.71 -1.21 -14.80
C ALA B 53 6.29 -1.71 -13.43
N PHE B 54 6.96 -1.25 -12.37
CA PHE B 54 6.68 -1.72 -10.99
C PHE B 54 5.28 -1.30 -10.52
N LEU B 55 4.88 -0.06 -10.74
CA LEU B 55 3.53 0.41 -10.33
C LEU B 55 2.48 -0.42 -11.08
N TRP B 56 2.74 -0.72 -12.34
CA TRP B 56 1.76 -1.43 -13.19
C TRP B 56 1.58 -2.84 -12.62
N GLN B 57 2.70 -3.52 -12.37
CA GLN B 57 2.69 -4.91 -11.85
C GLN B 57 1.87 -4.98 -10.56
N SER B 58 2.15 -4.13 -9.58
CA SER B 58 1.48 -4.13 -8.24
C SER B 58 -0.02 -3.86 -8.39
N TYR B 59 -0.37 -2.89 -9.23
CA TYR B 59 -1.77 -2.51 -9.54
C TYR B 59 -2.47 -3.70 -10.21
N GLN B 60 -1.86 -4.32 -11.21
CA GLN B 60 -2.49 -5.43 -11.96
C GLN B 60 -2.71 -6.63 -11.04
N VAL B 61 -1.86 -6.85 -10.04
CA VAL B 61 -2.12 -7.96 -9.07
C VAL B 61 -3.36 -7.62 -8.23
N LYS B 62 -3.48 -6.37 -7.76
CA LYS B 62 -4.65 -5.92 -6.97
C LYS B 62 -5.91 -6.06 -7.84
N LYS B 63 -5.82 -5.71 -9.11
CA LYS B 63 -7.02 -5.74 -9.99
C LYS B 63 -7.51 -7.17 -10.12
N ARG B 64 -6.58 -8.07 -10.39
CA ARG B 64 -6.91 -9.51 -10.56
C ARG B 64 -7.52 -10.05 -9.27
N GLN B 65 -7.01 -9.66 -8.10
CA GLN B 65 -7.57 -10.10 -6.78
C GLN B 65 -9.00 -9.59 -6.61
N MET B 66 -9.26 -8.34 -6.94
CA MET B 66 -10.60 -7.73 -6.74
C MET B 66 -11.57 -8.36 -7.74
N ASP B 67 -11.11 -8.70 -8.96
CA ASP B 67 -11.94 -9.41 -9.98
C ASP B 67 -12.37 -10.77 -9.42
N ILE B 68 -11.49 -11.48 -8.74
CA ILE B 68 -11.82 -12.81 -8.16
C ILE B 68 -12.79 -12.61 -7.01
N LYS B 69 -12.49 -11.68 -6.09
CA LYS B 69 -13.23 -11.53 -4.82
C LYS B 69 -14.66 -11.07 -5.09
N ASN B 70 -14.85 -10.17 -6.05
CA ASN B 70 -16.14 -9.50 -6.32
C ASN B 70 -16.86 -10.27 -7.44
N ASP B 71 -18.16 -10.47 -7.31
CA ASP B 71 -19.02 -11.19 -8.29
C ASP B 71 -19.24 -10.34 -9.56
N HIS B 72 -18.38 -10.56 -10.58
CA HIS B 72 -18.53 -10.14 -12.02
C HIS B 72 -18.67 -8.60 -12.17
N LYS B 73 -18.04 -7.84 -11.28
CA LYS B 73 -18.16 -6.36 -11.21
C LYS B 73 -17.20 -5.73 -12.23
N ASN B 74 -17.53 -4.53 -12.73
CA ASN B 74 -16.53 -3.59 -13.29
C ASN B 74 -15.89 -2.86 -12.12
N ASN B 75 -14.69 -3.26 -11.74
CA ASN B 75 -14.01 -2.80 -10.51
C ASN B 75 -13.16 -1.58 -10.79
N GLU B 76 -12.95 -1.25 -12.06
CA GLU B 76 -12.00 -0.18 -12.47
C GLU B 76 -12.72 1.02 -13.10
N ARG B 77 -12.45 2.22 -12.63
CA ARG B 77 -12.96 3.48 -13.24
C ARG B 77 -11.75 4.34 -13.62
N LEU B 78 -11.90 5.15 -14.67
CA LEU B 78 -10.86 6.10 -15.11
C LEU B 78 -11.21 7.47 -14.52
N LEU B 79 -10.45 7.97 -13.56
CA LEU B 79 -10.77 9.20 -12.80
C LEU B 79 -9.62 10.20 -12.89
N PHE B 80 -9.78 11.41 -12.32
CA PHE B 80 -8.82 12.52 -12.41
C PHE B 80 -8.25 12.84 -11.03
N HIS B 81 -7.03 13.34 -11.02
CA HIS B 81 -6.36 13.80 -9.78
C HIS B 81 -5.48 15.00 -10.11
N GLY B 82 -5.89 16.17 -9.62
CA GLY B 82 -5.09 17.41 -9.68
C GLY B 82 -4.06 17.43 -8.59
N THR B 83 -2.83 17.84 -8.88
CA THR B 83 -1.78 18.02 -7.84
C THR B 83 -0.80 19.14 -8.22
N ASP B 84 0.03 19.53 -7.26
CA ASP B 84 1.05 20.60 -7.38
C ASP B 84 2.28 20.03 -8.10
N ALA B 85 3.07 20.90 -8.70
CA ALA B 85 4.25 20.50 -9.51
C ALA B 85 5.26 19.78 -8.62
N ASP B 86 5.38 20.15 -7.33
CA ASP B 86 6.34 19.52 -6.39
C ASP B 86 6.02 18.03 -6.16
N SER B 87 4.77 17.61 -6.32
CA SER B 87 4.32 16.22 -6.09
C SER B 87 4.50 15.33 -7.34
N VAL B 88 4.68 15.93 -8.52
CA VAL B 88 4.61 15.22 -9.83
C VAL B 88 5.72 14.17 -9.92
N PRO B 89 7.01 14.50 -9.62
CA PRO B 89 8.07 13.49 -9.72
C PRO B 89 7.84 12.27 -8.82
N TYR B 90 7.31 12.48 -7.60
CA TYR B 90 6.98 11.38 -6.65
C TYR B 90 5.85 10.51 -7.24
N VAL B 91 4.76 11.11 -7.74
CA VAL B 91 3.60 10.32 -8.28
C VAL B 91 4.05 9.51 -9.51
N ASN B 92 4.83 10.12 -10.39
CA ASN B 92 5.36 9.44 -11.59
C ASN B 92 6.10 8.16 -11.19
N GLN B 93 6.93 8.22 -10.16
CA GLN B 93 7.81 7.08 -9.76
C GLN B 93 7.08 6.12 -8.83
N HIS B 94 6.26 6.62 -7.88
CA HIS B 94 5.77 5.84 -6.71
C HIS B 94 4.25 5.80 -6.62
N GLY B 95 3.55 6.57 -7.45
CA GLY B 95 2.08 6.64 -7.39
C GLY B 95 1.57 7.44 -6.19
N PHE B 96 0.38 7.10 -5.71
CA PHE B 96 -0.46 7.93 -4.80
C PHE B 96 -0.35 7.40 -3.36
N ASN B 97 0.17 8.25 -2.48
CA ASN B 97 0.41 7.89 -1.06
C ASN B 97 -0.59 8.63 -0.16
N ARG B 98 -1.49 7.91 0.52
CA ARG B 98 -2.51 8.50 1.43
C ARG B 98 -1.88 9.34 2.56
N SER B 99 -0.64 9.05 2.95
CA SER B 99 0.02 9.76 4.08
C SER B 99 0.47 11.17 3.63
N CYS B 100 0.49 11.45 2.32
CA CYS B 100 0.85 12.77 1.71
C CYS B 100 -0.40 13.56 1.29
N ALA B 101 -1.61 12.98 1.43
CA ALA B 101 -2.88 13.54 0.91
C ALA B 101 -3.28 14.75 1.76
N GLY B 102 -3.72 15.85 1.12
CA GLY B 102 -4.36 16.98 1.82
C GLY B 102 -5.73 16.62 2.39
N LYS B 103 -6.18 17.26 3.48
CA LYS B 103 -7.58 17.17 3.93
C LYS B 103 -8.41 17.76 2.80
N ASN B 104 -9.48 17.07 2.41
CA ASN B 104 -10.44 17.56 1.40
C ASN B 104 -11.42 18.55 2.04
N ALA B 105 -11.92 19.53 1.29
CA ALA B 105 -12.88 20.56 1.77
C ALA B 105 -14.17 19.87 2.26
N VAL B 106 -14.55 18.78 1.62
CA VAL B 106 -15.61 17.86 2.13
C VAL B 106 -14.94 16.49 2.30
N SER B 107 -14.68 16.12 3.54
CA SER B 107 -13.94 14.87 3.82
C SER B 107 -14.89 13.71 3.99
N TYR B 108 -14.66 12.65 3.22
CA TYR B 108 -15.37 11.36 3.31
C TYR B 108 -14.39 10.27 3.76
N GLY B 109 -13.30 10.66 4.43
CA GLY B 109 -12.27 9.72 4.90
C GLY B 109 -10.86 10.17 4.59
N LYS B 110 -9.89 9.60 5.30
CA LYS B 110 -8.45 9.97 5.19
C LYS B 110 -7.80 9.04 4.17
N GLY B 111 -7.91 9.36 2.90
CA GLY B 111 -7.25 8.61 1.82
C GLY B 111 -6.96 9.47 0.62
N THR B 112 -6.70 8.85 -0.54
CA THR B 112 -6.36 9.60 -1.78
C THR B 112 -7.66 9.85 -2.50
N TYR B 113 -7.91 11.11 -2.93
CA TYR B 113 -9.16 11.52 -3.61
C TYR B 113 -8.98 11.57 -5.13
N PHE B 114 -9.99 11.06 -5.85
CA PHE B 114 -10.08 11.01 -7.32
C PHE B 114 -11.46 11.47 -7.78
N ALA B 115 -11.51 12.27 -8.84
CA ALA B 115 -12.74 12.98 -9.29
C ALA B 115 -13.27 12.34 -10.58
N VAL B 116 -14.59 12.29 -10.69
CA VAL B 116 -15.28 11.82 -11.92
C VAL B 116 -15.06 12.84 -13.05
N ASP B 117 -15.10 14.13 -12.68
CA ASP B 117 -15.09 15.30 -13.61
C ASP B 117 -13.76 16.03 -13.49
N ALA B 118 -13.11 16.27 -14.63
CA ALA B 118 -11.85 17.05 -14.71
C ALA B 118 -12.03 18.42 -14.06
N SER B 119 -13.22 19.03 -14.17
CA SER B 119 -13.49 20.40 -13.63
C SER B 119 -13.13 20.47 -12.16
N TYR B 120 -13.44 19.40 -11.41
CA TYR B 120 -13.21 19.31 -9.95
C TYR B 120 -11.70 19.39 -9.70
N SER B 121 -10.95 18.55 -10.42
CA SER B 121 -9.48 18.43 -10.28
C SER B 121 -8.78 19.70 -10.80
N ALA B 122 -9.43 20.47 -11.65
CA ALA B 122 -8.86 21.68 -12.28
C ALA B 122 -8.90 22.86 -11.32
N LYS B 123 -9.60 22.76 -10.19
CA LYS B 123 -9.58 23.82 -9.14
C LYS B 123 -8.13 24.09 -8.69
N ASP B 124 -7.79 25.36 -8.44
CA ASP B 124 -6.44 25.79 -8.06
C ASP B 124 -6.06 25.11 -6.74
N THR B 125 -7.03 24.79 -5.91
CA THR B 125 -6.78 24.13 -4.60
C THR B 125 -6.11 22.77 -4.82
N TYR B 126 -6.30 22.11 -5.99
CA TYR B 126 -5.77 20.76 -6.27
C TYR B 126 -4.63 20.88 -7.27
N SER B 127 -4.94 21.32 -8.49
CA SER B 127 -3.94 21.49 -9.58
C SER B 127 -3.37 22.90 -9.48
N LYS B 128 -2.60 23.14 -8.43
CA LYS B 128 -2.02 24.46 -8.13
C LYS B 128 -1.18 24.95 -9.31
N PRO B 129 -1.43 26.16 -9.85
CA PRO B 129 -0.60 26.70 -10.91
C PRO B 129 0.83 26.80 -10.41
N ASP B 130 1.79 26.41 -11.25
CA ASP B 130 3.24 26.55 -10.92
C ASP B 130 3.66 27.99 -11.26
N SER B 131 4.92 28.34 -11.07
CA SER B 131 5.45 29.71 -11.27
C SER B 131 5.43 30.09 -12.76
N ASN B 132 5.22 29.15 -13.68
CA ASN B 132 5.00 29.42 -15.13
C ASN B 132 3.52 29.31 -15.51
N GLY B 133 2.63 29.13 -14.54
CA GLY B 133 1.17 29.08 -14.80
C GLY B 133 0.71 27.72 -15.27
N ARG B 134 1.55 26.68 -15.23
CA ARG B 134 1.14 25.32 -15.66
C ARG B 134 0.41 24.63 -14.51
N LYS B 135 -0.71 24.00 -14.85
CA LYS B 135 -1.52 23.16 -13.94
C LYS B 135 -1.34 21.70 -14.36
N HIS B 136 -1.41 20.76 -13.42
CA HIS B 136 -1.10 19.34 -13.62
C HIS B 136 -2.24 18.48 -13.12
N MET B 137 -2.72 17.57 -13.96
CA MET B 137 -3.79 16.61 -13.61
C MET B 137 -3.45 15.23 -14.17
N TYR B 138 -3.57 14.20 -13.33
CA TYR B 138 -3.39 12.80 -13.76
C TYR B 138 -4.73 12.19 -14.15
N VAL B 139 -4.67 11.30 -15.15
CA VAL B 139 -5.78 10.40 -15.52
C VAL B 139 -5.41 9.03 -14.97
N VAL B 140 -6.27 8.46 -14.15
CA VAL B 140 -5.87 7.39 -13.18
C VAL B 140 -6.81 6.20 -13.33
N ARG B 141 -6.26 5.00 -13.44
CA ARG B 141 -7.08 3.76 -13.32
C ARG B 141 -7.26 3.51 -11.83
N VAL B 142 -8.48 3.46 -11.33
CA VAL B 142 -8.76 3.35 -9.87
C VAL B 142 -9.63 2.11 -9.62
N LEU B 143 -9.21 1.26 -8.68
CA LEU B 143 -10.01 0.06 -8.33
C LEU B 143 -11.06 0.48 -7.29
N THR B 144 -12.17 1.04 -7.77
CA THR B 144 -13.29 1.53 -6.93
C THR B 144 -14.05 0.32 -6.38
N GLY B 145 -14.12 -0.75 -7.17
CA GLY B 145 -14.81 -1.99 -6.79
C GLY B 145 -16.20 -1.73 -6.22
N VAL B 146 -16.53 -2.34 -5.09
CA VAL B 146 -17.83 -2.14 -4.37
C VAL B 146 -17.63 -1.07 -3.31
N PHE B 147 -18.45 -0.01 -3.35
CA PHE B 147 -18.22 1.26 -2.61
C PHE B 147 -19.50 1.66 -1.89
N THR B 148 -19.31 2.50 -0.87
CA THR B 148 -20.39 3.04 -0.04
C THR B 148 -20.09 4.52 0.18
N LYS B 149 -21.03 5.25 0.77
CA LYS B 149 -20.82 6.66 1.20
C LYS B 149 -19.81 6.70 2.35
N GLY B 150 -18.80 7.55 2.24
CA GLY B 150 -17.76 7.69 3.25
C GLY B 150 -18.18 8.58 4.42
N ARG B 151 -17.28 8.66 5.42
CA ARG B 151 -17.39 9.43 6.69
CA ARG B 151 -17.41 9.49 6.64
C ARG B 151 -16.01 10.04 6.95
N ALA B 152 -15.93 11.28 7.46
CA ALA B 152 -14.65 11.96 7.72
C ALA B 152 -13.72 11.10 8.58
N GLY B 153 -14.22 10.21 9.43
CA GLY B 153 -13.36 9.50 10.39
C GLY B 153 -12.57 8.33 9.82
N LEU B 154 -12.85 7.88 8.61
CA LEU B 154 -12.36 6.60 8.08
C LEU B 154 -10.86 6.68 7.79
N VAL B 155 -10.10 5.65 8.18
CA VAL B 155 -8.68 5.44 7.76
C VAL B 155 -8.61 4.24 6.81
N THR B 156 -9.65 3.39 6.79
CA THR B 156 -9.84 2.30 5.79
C THR B 156 -11.29 2.33 5.33
N PRO B 157 -11.68 1.66 4.22
CA PRO B 157 -13.09 1.59 3.88
C PRO B 157 -13.81 0.85 5.00
N PRO B 158 -15.10 1.15 5.21
CA PRO B 158 -15.83 0.54 6.31
C PRO B 158 -16.13 -0.91 5.94
N PRO B 159 -16.49 -1.73 6.95
CA PRO B 159 -16.90 -3.11 6.69
C PRO B 159 -18.25 -3.12 5.97
N LYS B 160 -18.50 -4.14 5.15
CA LYS B 160 -19.83 -4.40 4.54
C LYS B 160 -20.84 -4.79 5.62
N ASN B 161 -20.36 -5.38 6.73
CA ASN B 161 -21.18 -6.02 7.79
C ASN B 161 -20.52 -5.77 9.14
N PRO B 162 -21.17 -5.09 10.11
CA PRO B 162 -20.53 -4.80 11.40
C PRO B 162 -20.06 -6.04 12.20
N HIS B 163 -20.68 -7.21 11.97
CA HIS B 163 -20.33 -8.48 12.66
C HIS B 163 -19.20 -9.22 11.94
N ASN B 164 -18.68 -8.66 10.84
CA ASN B 164 -17.50 -9.19 10.10
C ASN B 164 -16.57 -8.03 9.75
N PRO B 165 -15.90 -7.44 10.76
CA PRO B 165 -15.18 -6.19 10.59
C PRO B 165 -14.05 -6.15 9.55
N THR B 166 -13.55 -7.30 9.10
CA THR B 166 -12.38 -7.36 8.20
C THR B 166 -12.82 -7.46 6.73
N ASP B 167 -14.10 -7.70 6.44
CA ASP B 167 -14.59 -7.86 5.04
C ASP B 167 -15.06 -6.47 4.57
N LEU B 168 -14.23 -5.75 3.82
CA LEU B 168 -14.37 -4.29 3.65
C LEU B 168 -14.96 -3.96 2.29
N PHE B 169 -15.63 -2.81 2.19
CA PHE B 169 -15.81 -2.10 0.89
C PHE B 169 -14.43 -1.85 0.27
N ASP B 170 -14.39 -1.73 -1.05
CA ASP B 170 -13.12 -1.45 -1.78
C ASP B 170 -12.80 0.06 -1.74
N SER B 171 -13.82 0.93 -1.73
CA SER B 171 -13.61 2.40 -1.76
C SER B 171 -14.83 3.08 -1.16
N VAL B 172 -14.76 4.38 -0.94
CA VAL B 172 -15.96 5.15 -0.57
C VAL B 172 -16.14 6.31 -1.53
N THR B 173 -17.33 6.93 -1.49
CA THR B 173 -17.74 8.01 -2.41
C THR B 173 -18.49 9.07 -1.60
N ASN B 174 -18.79 10.20 -2.23
CA ASN B 174 -19.65 11.26 -1.64
C ASN B 174 -21.12 10.84 -1.69
N ASN B 175 -21.54 10.05 -2.68
CA ASN B 175 -22.96 9.71 -2.96
C ASN B 175 -23.02 8.48 -3.88
N THR B 176 -23.65 7.38 -3.45
CA THR B 176 -23.61 6.10 -4.20
C THR B 176 -24.48 6.18 -5.46
N ARG B 177 -25.54 7.00 -5.43
CA ARG B 177 -26.49 7.18 -6.58
C ARG B 177 -25.81 7.99 -7.69
N SER B 178 -25.14 9.08 -7.32
CA SER B 178 -24.49 10.07 -8.23
C SER B 178 -23.05 10.32 -7.81
N PRO B 179 -22.13 9.35 -7.92
CA PRO B 179 -20.77 9.57 -7.42
C PRO B 179 -20.00 10.64 -8.22
N LYS B 180 -19.36 11.58 -7.51
CA LYS B 180 -18.50 12.64 -8.12
C LYS B 180 -17.05 12.50 -7.63
N LEU B 181 -16.82 11.84 -6.49
CA LEU B 181 -15.45 11.54 -6.03
C LEU B 181 -15.36 10.15 -5.39
N PHE B 182 -14.17 9.56 -5.44
CA PHE B 182 -13.84 8.27 -4.80
C PHE B 182 -12.60 8.46 -3.92
N VAL B 183 -12.58 7.77 -2.80
CA VAL B 183 -11.41 7.77 -1.87
C VAL B 183 -10.91 6.33 -1.77
N VAL B 184 -9.61 6.08 -2.03
CA VAL B 184 -8.97 4.76 -1.79
C VAL B 184 -7.95 4.91 -0.68
N PHE B 185 -7.80 3.85 0.10
CA PHE B 185 -7.08 3.85 1.38
C PHE B 185 -5.89 2.89 1.35
N PHE B 186 -5.55 2.31 0.19
CA PHE B 186 -4.43 1.37 0.06
C PHE B 186 -3.55 1.73 -1.12
N ASP B 187 -2.27 1.40 -0.98
CA ASP B 187 -1.23 1.51 -2.03
C ASP B 187 -1.58 0.61 -3.21
N ASN B 188 -1.27 1.06 -4.41
CA ASN B 188 -1.40 0.22 -5.62
C ASN B 188 -2.87 -0.11 -5.88
N GLN B 189 -3.79 0.75 -5.42
CA GLN B 189 -5.22 0.68 -5.83
C GLN B 189 -5.51 1.73 -6.91
N ALA B 190 -4.48 2.47 -7.34
CA ALA B 190 -4.56 3.54 -8.36
C ALA B 190 -3.27 3.55 -9.19
N TYR B 191 -3.39 3.51 -10.51
CA TYR B 191 -2.23 3.58 -11.44
C TYR B 191 -2.32 4.91 -12.17
N PRO B 192 -1.33 5.82 -12.04
CA PRO B 192 -1.32 7.06 -12.82
C PRO B 192 -0.96 6.71 -14.28
N GLU B 193 -1.93 6.84 -15.18
CA GLU B 193 -1.81 6.38 -16.59
C GLU B 193 -1.38 7.53 -17.50
N TYR B 194 -1.95 8.72 -17.33
CA TYR B 194 -1.59 9.93 -18.12
C TYR B 194 -1.41 11.15 -17.21
N LEU B 195 -0.51 12.04 -17.62
CA LEU B 195 -0.33 13.35 -16.99
C LEU B 195 -0.71 14.42 -18.03
N ILE B 196 -1.71 15.22 -17.67
CA ILE B 196 -2.18 16.37 -18.49
C ILE B 196 -1.54 17.63 -17.93
N THR B 197 -0.78 18.35 -18.75
CA THR B 197 -0.28 19.69 -18.39
C THR B 197 -1.14 20.70 -19.16
N PHE B 198 -1.69 21.69 -18.47
CA PHE B 198 -2.66 22.61 -19.07
C PHE B 198 -2.46 23.99 -18.46
N THR B 199 -3.06 24.99 -19.11
CA THR B 199 -3.03 26.40 -18.67
C THR B 199 -4.44 26.94 -18.73
N ALA B 200 -4.65 27.97 -17.92
CA ALA B 200 -5.80 28.89 -18.01
C ALA B 200 -5.91 29.42 -19.44
C4 A1JHC C . 6.76 -0.30 18.10
C14 A1JHC C . 7.74 -2.88 18.40
C5 A1JHC C . 8.11 -0.52 18.31
C6 A1JHC C . 8.62 1.77 18.91
C11 A1JHC C . 11.78 2.81 20.78
C7 A1JHC C . 9.82 2.56 19.39
C8 A1JHC C . 10.08 3.80 18.85
C9 A1JHC C . 11.17 4.53 19.26
C10 A1JHC C . 12.02 4.05 20.23
C12 A1JHC C . 10.68 2.05 20.35
C13 A1JHC C . 8.60 -1.83 18.45
N1 A1JHC C . 4.21 -3.60 17.91
N2 A1JHC C . 3.68 -2.31 17.73
C3 A1JHC C . 5.86 -1.40 18.02
O1 A1JHC C . 5.93 -4.98 18.32
C1 A1JHC C . 5.53 -3.82 18.15
C2 A1JHC C . 4.46 -1.19 17.77
O2 A1JHC C . 3.93 -0.08 17.59
O3 A1JHC C . 9.04 0.48 18.38
CL1 A1JHC C . 12.86 2.21 22.02
C15 A1JHC C . 6.38 -2.70 18.18
H3 A1JHC C . 6.44 0.57 17.95
H11 A1JHC C . 8.09 -3.75 18.54
H5 A1JHC C . 8.16 2.27 18.22
H4 A1JHC C . 8.01 1.64 19.66
H6 A1JHC C . 9.51 4.15 18.18
H7 A1JHC C . 11.33 5.38 18.88
H8 A1JHC C . 12.76 4.55 20.51
H9 A1JHC C . 10.53 1.22 20.75
H10 A1JHC C . 9.51 -1.97 18.62
H1 A1JHC C . 3.69 -4.28 17.88
H2 A1JHC C . 2.84 -2.20 17.59
S DMS D . -1.82 -3.11 14.03
O DMS D . -0.53 -3.63 14.63
C1 DMS D . -1.44 -2.51 12.40
C2 DMS D . -2.18 -1.55 14.83
H11 DMS D . -2.10 -2.85 11.77
H12 DMS D . -0.56 -2.83 12.14
H13 DMS D . -1.46 -1.55 12.40
H21 DMS D . -2.95 -1.14 14.40
H22 DMS D . -1.41 -0.97 14.77
H23 DMS D . -2.39 -1.71 15.76
S DMS E . -8.47 15.59 -6.95
O DMS E . -7.90 16.46 -8.05
C1 DMS E . -9.82 16.47 -6.22
C2 DMS E . -7.33 15.71 -5.57
H11 DMS E . -10.28 15.90 -5.60
H12 DMS E . -10.44 16.75 -6.92
H13 DMS E . -9.49 17.25 -5.76
H21 DMS E . -7.63 15.11 -4.86
H22 DMS E . -7.31 16.62 -5.25
H23 DMS E . -6.45 15.44 -5.86
#